data_2R53
#
_entry.id   2R53
#
_cell.length_a   99.780
_cell.length_b   99.780
_cell.length_c   86.760
_cell.angle_alpha   90.00
_cell.angle_beta   90.00
_cell.angle_gamma   120.00
#
_symmetry.space_group_name_H-M   'P 31 2 1'
#
loop_
_entity.id
_entity.type
_entity.pdbx_description
1 polymer 'Bone morphogenetic protein 6'
2 non-polymer (4S)-2-METHYL-2,4-PENTANEDIOL
3 water water
#
_entity_poly.entity_id   1
_entity_poly.type   'polypeptide(L)'
_entity_poly.pdbx_seq_one_letter_code
;MAQAKHKQRKRLKACRKHELYVSFQDLGWQDWIIAPKGYAANYCDGECSFPLNAHMNATNHAIVQTLVHLMNPEYVPKPC
CAPTKLNAISVLYFDDNSNVILKKYRNMVVRACGCH
;
_entity_poly.pdbx_strand_id   A,B
#
# COMPACT_ATOMS: atom_id res chain seq x y z
N LYS A 10 4.09 -18.96 5.98
CA LYS A 10 3.71 -19.84 4.85
C LYS A 10 4.20 -19.22 3.55
N ARG A 11 4.49 -20.06 2.57
CA ARG A 11 5.07 -19.59 1.32
C ARG A 11 4.21 -18.76 0.38
N LEU A 12 3.09 -19.31 -0.03
CA LEU A 12 2.26 -18.60 -1.01
C LEU A 12 0.93 -17.99 -0.51
N LYS A 13 0.75 -17.95 0.80
CA LYS A 13 -0.46 -17.40 1.42
C LYS A 13 -0.16 -15.99 1.95
N ALA A 14 1.11 -15.64 1.84
CA ALA A 14 1.59 -14.36 2.29
C ALA A 14 1.43 -13.40 1.14
N CYS A 15 1.61 -12.14 1.47
CA CYS A 15 1.50 -11.01 0.55
C CYS A 15 2.33 -11.22 -0.71
N ARG A 16 1.66 -11.31 -1.85
CA ARG A 16 2.35 -11.49 -3.13
C ARG A 16 1.51 -10.99 -4.29
N LYS A 17 2.14 -10.95 -5.47
CA LYS A 17 1.49 -10.52 -6.70
C LYS A 17 0.68 -11.69 -7.26
N HIS A 18 -0.51 -11.39 -7.77
CA HIS A 18 -1.40 -12.38 -8.40
C HIS A 18 -1.70 -11.94 -9.82
N GLU A 19 -1.88 -12.90 -10.72
CA GLU A 19 -2.16 -12.64 -12.13
C GLU A 19 -3.60 -12.19 -12.36
N LEU A 20 -3.78 -11.17 -13.19
CA LEU A 20 -5.10 -10.67 -13.53
C LEU A 20 -5.07 -9.95 -14.88
N TYR A 21 -5.84 -10.47 -15.84
CA TYR A 21 -5.90 -9.89 -17.18
C TYR A 21 -7.16 -9.05 -17.33
N VAL A 22 -7.00 -7.86 -17.90
CA VAL A 22 -8.14 -6.95 -18.08
C VAL A 22 -8.34 -6.64 -19.56
N SER A 23 -9.57 -6.78 -20.03
CA SER A 23 -9.88 -6.50 -21.43
C SER A 23 -10.44 -5.09 -21.56
N PHE A 24 -9.93 -4.32 -22.52
CA PHE A 24 -10.40 -2.97 -22.69
C PHE A 24 -11.88 -2.90 -22.99
N GLN A 25 -12.42 -3.98 -23.57
CA GLN A 25 -13.83 -3.98 -23.90
C GLN A 25 -14.67 -3.90 -22.63
N ASP A 26 -14.16 -4.48 -21.54
CA ASP A 26 -14.90 -4.44 -20.29
C ASP A 26 -14.81 -3.06 -19.63
N LEU A 27 -13.92 -2.23 -20.16
CA LEU A 27 -13.75 -0.86 -19.65
C LEU A 27 -14.49 0.14 -20.53
N GLY A 28 -14.72 -0.24 -21.78
CA GLY A 28 -15.41 0.65 -22.70
C GLY A 28 -14.54 1.26 -23.78
N TRP A 29 -13.42 0.62 -24.11
CA TRP A 29 -12.50 1.11 -25.16
C TRP A 29 -12.78 0.35 -26.44
N GLN A 30 -13.99 -0.16 -26.55
CA GLN A 30 -14.45 -0.97 -27.66
C GLN A 30 -14.20 -0.51 -29.12
N ASP A 31 -14.36 0.78 -29.41
CA ASP A 31 -14.18 1.24 -30.79
C ASP A 31 -13.04 2.21 -31.04
N TRP A 32 -12.43 2.77 -29.99
CA TRP A 32 -11.35 3.72 -30.20
C TRP A 32 -9.95 3.09 -30.08
N ILE A 33 -9.87 1.86 -29.55
CA ILE A 33 -8.59 1.18 -29.38
C ILE A 33 -8.20 0.33 -30.57
N ILE A 34 -6.94 0.42 -30.98
CA ILE A 34 -6.45 -0.39 -32.09
C ILE A 34 -5.72 -1.61 -31.54
N ALA A 35 -4.84 -1.40 -30.58
CA ALA A 35 -4.11 -2.51 -29.97
C ALA A 35 -3.26 -2.00 -28.80
N PRO A 36 -3.07 -2.84 -27.75
CA PRO A 36 -3.60 -4.20 -27.67
C PRO A 36 -5.09 -4.17 -27.30
N LYS A 37 -5.68 -5.36 -27.12
CA LYS A 37 -7.10 -5.46 -26.78
C LYS A 37 -7.30 -5.61 -25.27
N GLY A 38 -6.20 -5.80 -24.56
CA GLY A 38 -6.23 -5.95 -23.11
C GLY A 38 -4.81 -6.00 -22.56
N TYR A 39 -4.67 -6.15 -21.24
CA TYR A 39 -3.34 -6.21 -20.60
C TYR A 39 -3.40 -6.87 -19.22
N ALA A 40 -2.25 -7.37 -18.77
CA ALA A 40 -2.15 -8.01 -17.47
C ALA A 40 -1.91 -6.96 -16.38
N ALA A 41 -2.99 -6.48 -15.77
CA ALA A 41 -2.86 -5.49 -14.71
C ALA A 41 -2.32 -6.09 -13.42
N ASN A 42 -2.76 -7.31 -13.09
CA ASN A 42 -2.36 -8.02 -11.86
C ASN A 42 -2.92 -7.33 -10.61
N TYR A 43 -2.53 -7.84 -9.43
CA TYR A 43 -2.98 -7.26 -8.17
C TYR A 43 -2.30 -7.90 -6.96
N CYS A 44 -2.29 -7.18 -5.84
CA CYS A 44 -1.68 -7.66 -4.60
C CYS A 44 -2.72 -8.21 -3.66
N ASP A 45 -2.39 -9.31 -2.99
CA ASP A 45 -3.31 -9.93 -2.04
C ASP A 45 -2.54 -10.88 -1.13
N GLY A 46 -3.09 -11.18 0.05
CA GLY A 46 -2.41 -12.06 0.98
C GLY A 46 -2.25 -11.42 2.35
N GLU A 47 -2.14 -12.24 3.39
CA GLU A 47 -2.00 -11.72 4.76
C GLU A 47 -0.62 -11.14 5.07
N CYS A 48 -0.62 -10.13 5.94
CA CYS A 48 0.61 -9.48 6.37
C CYS A 48 0.83 -9.81 7.85
N SER A 49 1.89 -10.56 8.13
CA SER A 49 2.20 -10.93 9.49
C SER A 49 3.61 -11.47 9.53
N PHE A 50 4.15 -11.66 10.74
CA PHE A 50 5.49 -12.18 10.87
C PHE A 50 5.53 -13.53 10.18
N PRO A 51 6.65 -13.89 9.54
CA PRO A 51 7.90 -13.12 9.43
C PRO A 51 7.89 -11.97 8.42
N LEU A 52 8.54 -10.86 8.79
CA LEU A 52 8.62 -9.64 7.96
C LEU A 52 10.08 -9.16 7.86
N ASN A 53 10.41 -8.49 6.76
CA ASN A 53 11.77 -7.97 6.54
C ASN A 53 11.71 -6.52 6.04
N ALA A 54 12.14 -5.59 6.86
CA ALA A 54 12.12 -4.18 6.50
C ALA A 54 13.12 -3.82 5.41
N HIS A 55 14.14 -4.64 5.25
CA HIS A 55 15.16 -4.35 4.25
C HIS A 55 14.81 -4.86 2.86
N MET A 56 13.75 -5.67 2.80
CA MET A 56 13.23 -6.22 1.55
C MET A 56 11.81 -5.60 1.57
N ASN A 57 10.83 -6.24 0.94
CA ASN A 57 9.45 -5.72 0.88
C ASN A 57 8.57 -5.08 1.97
N ALA A 58 8.93 -5.21 3.24
CA ALA A 58 8.13 -4.59 4.31
C ALA A 58 8.79 -3.28 4.76
N THR A 59 8.12 -2.52 5.61
CA THR A 59 8.70 -1.28 6.14
C THR A 59 8.76 -1.37 7.67
N ASN A 60 9.56 -0.50 8.29
CA ASN A 60 9.65 -0.48 9.76
C ASN A 60 8.28 -0.23 10.35
N HIS A 61 7.53 0.68 9.73
CA HIS A 61 6.21 1.01 10.22
C HIS A 61 5.30 -0.22 10.24
N ALA A 62 5.37 -1.03 9.19
CA ALA A 62 4.50 -2.21 9.16
C ALA A 62 4.82 -3.21 10.31
N ILE A 63 6.10 -3.29 10.69
CA ILE A 63 6.50 -4.18 11.77
C ILE A 63 5.91 -3.64 13.07
N VAL A 64 6.09 -2.35 13.33
CA VAL A 64 5.52 -1.81 14.55
C VAL A 64 4.00 -1.95 14.57
N GLN A 65 3.34 -1.69 13.44
CA GLN A 65 1.89 -1.82 13.40
C GLN A 65 1.43 -3.25 13.68
N THR A 66 2.15 -4.23 13.13
CA THR A 66 1.79 -5.63 13.36
C THR A 66 1.82 -5.99 14.86
N LEU A 67 2.83 -5.51 15.58
CA LEU A 67 2.98 -5.77 17.00
C LEU A 67 1.86 -5.12 17.81
N VAL A 68 1.50 -3.90 17.45
CA VAL A 68 0.43 -3.21 18.17
C VAL A 68 -0.90 -3.90 17.91
N HIS A 69 -1.09 -4.42 16.71
CA HIS A 69 -2.32 -5.12 16.35
C HIS A 69 -2.47 -6.37 17.21
N LEU A 70 -1.37 -7.10 17.37
CA LEU A 70 -1.36 -8.33 18.16
C LEU A 70 -1.74 -8.11 19.63
N MET A 71 -1.56 -6.88 20.11
CA MET A 71 -1.88 -6.53 21.48
C MET A 71 -3.27 -5.91 21.66
N ASN A 72 -3.77 -5.26 20.61
CA ASN A 72 -5.09 -4.63 20.63
C ASN A 72 -5.68 -4.82 19.25
N PRO A 73 -5.94 -6.08 18.87
CA PRO A 73 -6.49 -6.44 17.56
C PRO A 73 -7.83 -5.81 17.18
N GLU A 74 -8.50 -5.19 18.14
CA GLU A 74 -9.79 -4.57 17.88
C GLU A 74 -9.65 -3.08 17.68
N TYR A 75 -8.46 -2.56 17.97
CA TYR A 75 -8.19 -1.13 17.84
C TYR A 75 -7.36 -0.80 16.60
N VAL A 76 -6.35 -1.65 16.33
CA VAL A 76 -5.49 -1.43 15.18
C VAL A 76 -5.45 -2.64 14.25
N PRO A 77 -5.74 -2.43 12.96
CA PRO A 77 -5.74 -3.52 11.99
C PRO A 77 -4.33 -3.85 11.53
N LYS A 78 -4.20 -4.99 10.87
CA LYS A 78 -2.93 -5.43 10.31
C LYS A 78 -2.59 -4.50 9.15
N PRO A 79 -1.31 -4.43 8.77
CA PRO A 79 -0.87 -3.57 7.66
C PRO A 79 -1.45 -4.25 6.41
N CYS A 80 -1.44 -3.59 5.26
CA CYS A 80 -1.98 -4.28 4.10
C CYS A 80 -1.01 -4.50 2.95
N CYS A 81 -1.34 -5.49 2.13
CA CYS A 81 -0.52 -5.88 1.00
C CYS A 81 -0.73 -4.91 -0.17
N ALA A 82 0.35 -4.24 -0.58
CA ALA A 82 0.25 -3.25 -1.66
C ALA A 82 1.46 -3.25 -2.58
N PRO A 83 1.33 -2.63 -3.76
CA PRO A 83 2.43 -2.58 -4.72
C PRO A 83 3.68 -1.85 -4.27
N THR A 84 4.83 -2.42 -4.59
CA THR A 84 6.11 -1.80 -4.30
C THR A 84 6.72 -1.42 -5.67
N LYS A 85 6.20 -2.02 -6.74
CA LYS A 85 6.68 -1.73 -8.10
C LYS A 85 5.60 -1.81 -9.17
N LEU A 86 5.51 -0.77 -10.00
CA LEU A 86 4.52 -0.66 -11.08
C LEU A 86 5.14 -0.30 -12.43
N ASN A 87 4.64 -0.91 -13.52
CA ASN A 87 5.15 -0.61 -14.86
C ASN A 87 4.08 0.06 -15.73
N ALA A 88 4.53 0.78 -16.76
CA ALA A 88 3.61 1.46 -17.67
C ALA A 88 3.19 0.52 -18.80
N ILE A 89 2.22 0.94 -19.59
CA ILE A 89 1.77 0.17 -20.76
C ILE A 89 1.46 1.15 -21.89
N SER A 90 1.76 0.75 -23.12
CA SER A 90 1.50 1.60 -24.29
C SER A 90 0.34 1.10 -25.14
N VAL A 91 -0.46 2.02 -25.66
CA VAL A 91 -1.61 1.65 -26.48
C VAL A 91 -1.68 2.46 -27.79
N LEU A 92 -2.16 1.83 -28.85
CA LEU A 92 -2.32 2.48 -30.16
C LEU A 92 -3.81 2.75 -30.36
N TYR A 93 -4.21 4.01 -30.56
CA TYR A 93 -5.64 4.30 -30.72
C TYR A 93 -5.99 5.41 -31.74
N PHE A 94 -7.27 5.51 -32.06
CA PHE A 94 -7.84 6.47 -33.02
C PHE A 94 -8.56 7.66 -32.40
N ASP A 95 -8.45 8.83 -33.01
CA ASP A 95 -9.17 10.00 -32.50
C ASP A 95 -10.30 10.34 -33.49
N ASP A 96 -10.93 11.49 -33.35
CA ASP A 96 -12.02 11.87 -34.25
C ASP A 96 -11.62 12.30 -35.66
N ASN A 97 -10.33 12.58 -35.88
CA ASN A 97 -9.87 12.98 -37.20
C ASN A 97 -9.12 11.83 -37.90
N SER A 98 -9.34 10.62 -37.42
CA SER A 98 -8.71 9.42 -37.97
C SER A 98 -7.19 9.38 -37.77
N ASN A 99 -6.68 10.20 -36.86
CA ASN A 99 -5.25 10.23 -36.55
C ASN A 99 -4.88 9.02 -35.69
N VAL A 100 -3.77 8.36 -36.01
CA VAL A 100 -3.33 7.22 -35.22
C VAL A 100 -2.35 7.75 -34.16
N ILE A 101 -2.71 7.52 -32.89
CA ILE A 101 -1.94 7.99 -31.75
C ILE A 101 -1.43 6.87 -30.85
N LEU A 102 -0.18 7.00 -30.39
CA LEU A 102 0.42 6.01 -29.50
C LEU A 102 0.49 6.69 -28.16
N LYS A 103 -0.04 6.04 -27.12
CA LYS A 103 -0.03 6.66 -25.80
C LYS A 103 0.51 5.73 -24.72
N LYS A 104 1.30 6.30 -23.82
CA LYS A 104 1.88 5.56 -22.72
C LYS A 104 1.13 5.89 -21.43
N TYR A 105 0.68 4.86 -20.73
CA TYR A 105 -0.04 5.04 -19.47
C TYR A 105 0.83 4.53 -18.34
N ARG A 106 1.24 5.42 -17.44
CA ARG A 106 2.09 5.02 -16.32
C ARG A 106 1.34 4.32 -15.19
N ASN A 107 2.07 3.54 -14.40
CA ASN A 107 1.58 2.82 -13.24
C ASN A 107 0.31 2.03 -13.48
N MET A 108 0.35 1.15 -14.48
CA MET A 108 -0.80 0.33 -14.89
C MET A 108 -0.63 -1.15 -14.58
N VAL A 109 0.61 -1.60 -14.44
CA VAL A 109 0.90 -3.00 -14.18
C VAL A 109 1.63 -3.24 -12.87
N VAL A 110 1.05 -4.06 -12.00
CA VAL A 110 1.67 -4.39 -10.73
C VAL A 110 2.73 -5.46 -10.95
N ARG A 111 3.98 -5.17 -10.58
CA ARG A 111 5.08 -6.14 -10.75
C ARG A 111 5.48 -6.83 -9.43
N ALA A 112 5.44 -6.10 -8.31
CA ALA A 112 5.81 -6.65 -7.00
C ALA A 112 4.96 -6.05 -5.88
N CYS A 113 4.80 -6.80 -4.79
CA CYS A 113 4.00 -6.37 -3.63
C CYS A 113 4.72 -6.46 -2.27
N GLY A 114 4.26 -5.68 -1.30
CA GLY A 114 4.86 -5.71 0.02
C GLY A 114 3.87 -5.27 1.09
N CYS A 115 4.23 -5.46 2.36
CA CYS A 115 3.34 -5.06 3.44
C CYS A 115 3.63 -3.63 3.86
N HIS A 116 2.62 -2.79 3.68
CA HIS A 116 2.73 -1.37 4.01
C HIS A 116 1.62 -0.92 4.98
N LYS B 10 -17.24 9.27 0.64
CA LYS B 10 -15.84 9.81 0.61
C LYS B 10 -15.09 10.48 1.74
N ARG B 11 -15.75 11.38 2.45
CA ARG B 11 -15.12 12.15 3.52
C ARG B 11 -15.03 11.33 4.80
N LEU B 12 -16.22 11.06 5.32
CA LEU B 12 -16.39 10.30 6.54
C LEU B 12 -15.70 8.95 6.71
N LYS B 13 -16.20 7.94 6.01
CA LYS B 13 -15.69 6.59 6.15
C LYS B 13 -14.45 6.25 5.33
N ALA B 14 -14.03 7.18 4.48
CA ALA B 14 -12.92 6.97 3.57
C ALA B 14 -11.48 6.78 4.08
N CYS B 15 -10.67 6.17 3.22
CA CYS B 15 -9.27 5.90 3.48
C CYS B 15 -8.57 7.17 3.94
N ARG B 16 -7.91 7.11 5.10
CA ARG B 16 -7.20 8.25 5.65
C ARG B 16 -6.32 7.90 6.86
N LYS B 17 -5.47 8.84 7.24
CA LYS B 17 -4.56 8.68 8.36
C LYS B 17 -5.28 8.77 9.70
N HIS B 18 -5.09 7.76 10.54
CA HIS B 18 -5.69 7.75 11.86
C HIS B 18 -4.55 7.95 12.87
N GLU B 19 -4.83 8.68 13.95
CA GLU B 19 -3.83 8.95 14.98
C GLU B 19 -3.47 7.75 15.84
N LEU B 20 -2.17 7.53 16.02
CA LEU B 20 -1.70 6.43 16.86
C LEU B 20 -0.33 6.72 17.48
N TYR B 21 -0.30 6.92 18.79
CA TYR B 21 0.96 7.16 19.50
C TYR B 21 1.38 5.84 20.12
N VAL B 22 2.63 5.44 19.89
CA VAL B 22 3.11 4.19 20.45
C VAL B 22 4.22 4.43 21.47
N SER B 23 4.10 3.82 22.65
CA SER B 23 5.10 3.97 23.70
C SER B 23 5.85 2.68 23.85
N PHE B 24 7.17 2.77 23.91
CA PHE B 24 8.01 1.58 24.01
C PHE B 24 7.75 0.79 25.28
N GLN B 25 7.11 1.45 26.25
CA GLN B 25 6.78 0.80 27.52
C GLN B 25 5.69 -0.22 27.26
N ASP B 26 4.77 0.09 26.34
CA ASP B 26 3.69 -0.84 26.01
C ASP B 26 4.20 -2.00 25.17
N LEU B 27 5.26 -1.76 24.42
CA LEU B 27 5.85 -2.79 23.59
C LEU B 27 6.72 -3.70 24.45
N GLY B 28 7.17 -3.17 25.59
CA GLY B 28 8.02 -3.93 26.48
C GLY B 28 9.50 -3.63 26.26
N TRP B 29 9.80 -2.51 25.62
CA TRP B 29 11.20 -2.14 25.35
C TRP B 29 11.72 -0.99 26.21
N GLN B 30 11.01 -0.65 27.27
CA GLN B 30 11.39 0.46 28.15
C GLN B 30 12.70 0.31 28.92
N ASP B 31 13.05 -0.92 29.26
CA ASP B 31 14.27 -1.16 30.02
C ASP B 31 15.58 -0.77 29.33
N TRP B 32 15.61 -0.78 27.99
CA TRP B 32 16.82 -0.45 27.26
C TRP B 32 16.75 0.78 26.34
N ILE B 33 15.56 1.32 26.12
CA ILE B 33 15.45 2.50 25.26
C ILE B 33 15.57 3.76 26.10
N ILE B 34 16.62 4.52 25.82
CA ILE B 34 16.91 5.76 26.52
C ILE B 34 15.97 6.88 26.04
N ALA B 35 15.98 7.17 24.74
CA ALA B 35 15.11 8.22 24.20
C ALA B 35 14.75 8.02 22.73
N PRO B 36 13.50 8.34 22.35
CA PRO B 36 12.42 8.86 23.21
C PRO B 36 11.71 7.72 23.90
N LYS B 37 10.69 8.02 24.70
CA LYS B 37 9.93 6.98 25.40
C LYS B 37 8.69 6.58 24.59
N GLY B 38 8.54 7.18 23.41
CA GLY B 38 7.40 6.89 22.54
C GLY B 38 7.36 7.86 21.36
N TYR B 39 6.37 7.71 20.49
CA TYR B 39 6.23 8.60 19.35
C TYR B 39 4.91 8.41 18.61
N ALA B 40 4.60 9.37 17.74
CA ALA B 40 3.36 9.31 16.97
C ALA B 40 3.62 8.48 15.72
N ALA B 41 3.15 7.24 15.73
CA ALA B 41 3.35 6.36 14.58
C ALA B 41 2.21 6.52 13.59
N ASN B 42 0.98 6.50 14.09
CA ASN B 42 -0.23 6.61 13.26
C ASN B 42 -0.39 5.37 12.39
N TYR B 43 -1.44 5.34 11.57
CA TYR B 43 -1.70 4.23 10.65
C TYR B 43 -2.82 4.57 9.68
N CYS B 44 -2.93 3.77 8.61
CA CYS B 44 -3.94 3.96 7.58
C CYS B 44 -5.13 3.03 7.67
N ASP B 45 -6.31 3.55 7.40
CA ASP B 45 -7.52 2.75 7.46
C ASP B 45 -8.70 3.46 6.79
N GLY B 46 -9.66 2.68 6.31
CA GLY B 46 -10.82 3.25 5.65
C GLY B 46 -11.11 2.59 4.31
N GLU B 47 -12.31 2.83 3.78
CA GLU B 47 -12.72 2.23 2.51
C GLU B 47 -12.06 2.85 1.27
N CYS B 48 -11.79 2.00 0.28
CA CYS B 48 -11.18 2.44 -0.97
C CYS B 48 -12.14 2.18 -2.13
N SER B 49 -13.12 3.07 -2.29
CA SER B 49 -14.11 2.94 -3.35
C SER B 49 -14.49 4.33 -3.85
N PHE B 50 -15.14 4.39 -5.00
CA PHE B 50 -15.54 5.68 -5.57
C PHE B 50 -16.52 6.37 -4.64
N PRO B 51 -16.39 7.70 -4.51
CA PRO B 51 -15.41 8.55 -5.18
C PRO B 51 -14.03 8.53 -4.54
N LEU B 52 -13.01 8.65 -5.39
CA LEU B 52 -11.63 8.69 -4.92
C LEU B 52 -11.20 10.15 -4.80
N ASN B 53 -11.12 10.65 -3.57
CA ASN B 53 -10.72 12.04 -3.29
C ASN B 53 -9.39 12.32 -3.97
N ALA B 54 -9.26 13.50 -4.58
CA ALA B 54 -8.04 13.86 -5.28
C ALA B 54 -6.80 14.02 -4.41
N HIS B 55 -7.01 14.29 -3.12
CA HIS B 55 -5.89 14.49 -2.20
C HIS B 55 -5.01 13.25 -2.02
N MET B 56 -5.61 12.07 -2.08
CA MET B 56 -4.84 10.84 -1.91
C MET B 56 -4.06 10.41 -3.15
N ASN B 57 -4.26 11.10 -4.27
CA ASN B 57 -3.57 10.80 -5.51
C ASN B 57 -3.46 9.31 -5.87
N ALA B 58 -4.60 8.67 -6.10
CA ALA B 58 -4.63 7.27 -6.48
C ALA B 58 -4.00 7.09 -7.85
N THR B 59 -3.32 5.96 -8.06
CA THR B 59 -2.67 5.70 -9.34
C THR B 59 -3.67 5.14 -10.36
N ASN B 60 -3.24 5.03 -11.62
CA ASN B 60 -4.08 4.48 -12.69
C ASN B 60 -4.47 3.04 -12.32
N HIS B 61 -3.51 2.27 -11.81
CA HIS B 61 -3.79 0.88 -11.44
C HIS B 61 -4.88 0.78 -10.37
N ALA B 62 -4.86 1.64 -9.37
CA ALA B 62 -5.88 1.57 -8.32
C ALA B 62 -7.28 1.90 -8.85
N ILE B 63 -7.37 2.84 -9.78
CA ILE B 63 -8.66 3.21 -10.36
C ILE B 63 -9.19 2.00 -11.12
N VAL B 64 -8.33 1.35 -11.89
CA VAL B 64 -8.76 0.18 -12.64
C VAL B 64 -9.18 -0.93 -11.70
N GLN B 65 -8.42 -1.16 -10.62
CA GLN B 65 -8.77 -2.23 -9.67
C GLN B 65 -10.10 -1.94 -8.97
N THR B 66 -10.32 -0.69 -8.58
CA THR B 66 -11.55 -0.33 -7.90
C THR B 66 -12.77 -0.58 -8.79
N LEU B 67 -12.62 -0.34 -10.09
CA LEU B 67 -13.68 -0.52 -11.06
C LEU B 67 -13.92 -2.01 -11.34
N VAL B 68 -12.84 -2.74 -11.56
CA VAL B 68 -12.94 -4.17 -11.82
C VAL B 68 -13.52 -4.89 -10.62
N HIS B 69 -13.24 -4.37 -9.43
CA HIS B 69 -13.77 -4.98 -8.23
C HIS B 69 -15.29 -4.86 -8.21
N LEU B 70 -15.81 -3.78 -8.78
CA LEU B 70 -17.26 -3.57 -8.81
C LEU B 70 -17.97 -4.58 -9.71
N MET B 71 -17.34 -4.88 -10.84
CA MET B 71 -17.89 -5.81 -11.81
C MET B 71 -17.77 -7.27 -11.37
N ASN B 72 -16.59 -7.65 -10.89
CA ASN B 72 -16.32 -9.01 -10.45
C ASN B 72 -15.90 -9.03 -8.97
N PRO B 73 -16.82 -8.64 -8.08
CA PRO B 73 -16.59 -8.59 -6.64
C PRO B 73 -15.96 -9.82 -6.02
N GLU B 74 -16.16 -10.98 -6.64
CA GLU B 74 -15.62 -12.22 -6.08
C GLU B 74 -14.26 -12.66 -6.60
N TYR B 75 -13.75 -11.99 -7.63
CA TYR B 75 -12.46 -12.39 -8.18
C TYR B 75 -11.34 -11.35 -8.07
N VAL B 76 -11.67 -10.16 -7.60
CA VAL B 76 -10.67 -9.12 -7.41
C VAL B 76 -11.03 -8.32 -6.16
N PRO B 77 -10.09 -8.23 -5.21
CA PRO B 77 -10.32 -7.48 -3.98
C PRO B 77 -10.21 -5.98 -4.21
N LYS B 78 -10.71 -5.18 -3.28
CA LYS B 78 -10.63 -3.73 -3.39
C LYS B 78 -9.19 -3.32 -3.08
N PRO B 79 -8.74 -2.17 -3.60
CA PRO B 79 -7.37 -1.74 -3.30
C PRO B 79 -7.21 -1.56 -1.78
N CYS B 80 -5.99 -1.43 -1.29
CA CYS B 80 -5.82 -1.27 0.15
C CYS B 80 -5.30 0.11 0.57
N CYS B 81 -5.78 0.60 1.71
CA CYS B 81 -5.38 1.91 2.22
C CYS B 81 -3.99 1.78 2.85
N ALA B 82 -3.01 2.40 2.21
CA ALA B 82 -1.62 2.33 2.66
C ALA B 82 -0.96 3.70 2.67
N PRO B 83 0.21 3.81 3.33
CA PRO B 83 0.95 5.07 3.42
C PRO B 83 1.43 5.65 2.10
N THR B 84 1.25 6.95 1.91
CA THR B 84 1.73 7.61 0.71
C THR B 84 2.97 8.43 1.10
N LYS B 85 3.15 8.68 2.40
CA LYS B 85 4.30 9.45 2.87
C LYS B 85 4.63 9.17 4.34
N LEU B 86 5.89 8.85 4.61
CA LEU B 86 6.34 8.56 5.98
C LEU B 86 7.58 9.36 6.39
N ASN B 87 7.77 9.51 7.70
CA ASN B 87 8.92 10.24 8.25
C ASN B 87 9.80 9.33 9.12
N ALA B 88 11.11 9.45 8.96
CA ALA B 88 12.07 8.67 9.75
C ALA B 88 12.10 9.20 11.19
N ILE B 89 12.75 8.47 12.09
CA ILE B 89 12.89 8.91 13.48
C ILE B 89 14.16 8.34 14.09
N SER B 90 14.64 9.02 15.13
CA SER B 90 15.87 8.60 15.79
C SER B 90 15.67 8.04 17.17
N VAL B 91 16.40 6.98 17.48
CA VAL B 91 16.28 6.36 18.78
C VAL B 91 17.65 6.17 19.41
N LEU B 92 17.71 6.44 20.72
CA LEU B 92 18.96 6.31 21.48
C LEU B 92 18.72 5.15 22.45
N TYR B 93 19.56 4.12 22.40
CA TYR B 93 19.35 2.99 23.30
C TYR B 93 20.64 2.23 23.66
N PHE B 94 20.52 1.38 24.68
CA PHE B 94 21.61 0.54 25.16
C PHE B 94 21.58 -0.80 24.45
N ASP B 95 22.68 -1.21 23.82
CA ASP B 95 22.66 -2.53 23.21
C ASP B 95 22.88 -3.58 24.32
N ASP B 96 23.04 -4.84 23.94
CA ASP B 96 23.21 -5.89 24.93
C ASP B 96 24.55 -5.86 25.64
N ASN B 97 25.50 -5.11 25.09
CA ASN B 97 26.83 -4.96 25.68
C ASN B 97 26.98 -3.62 26.40
N SER B 98 25.84 -2.99 26.68
CA SER B 98 25.78 -1.70 27.37
C SER B 98 26.36 -0.51 26.62
N ASN B 99 26.53 -0.65 25.31
CA ASN B 99 27.03 0.46 24.49
C ASN B 99 25.82 1.37 24.22
N VAL B 100 26.06 2.67 24.14
CA VAL B 100 24.98 3.64 23.89
C VAL B 100 24.95 3.98 22.42
N ILE B 101 23.85 3.62 21.77
CA ILE B 101 23.71 3.83 20.33
C ILE B 101 22.56 4.75 19.93
N LEU B 102 22.80 5.56 18.90
CA LEU B 102 21.78 6.45 18.37
C LEU B 102 21.56 5.91 16.98
N LYS B 103 20.34 5.47 16.69
CA LYS B 103 20.03 4.91 15.38
C LYS B 103 18.86 5.63 14.73
N LYS B 104 18.99 5.90 13.44
CA LYS B 104 17.93 6.57 12.69
C LYS B 104 17.07 5.52 11.98
N TYR B 105 15.81 5.40 12.38
CA TYR B 105 14.90 4.45 11.76
C TYR B 105 13.96 5.15 10.79
N ARG B 106 14.11 4.86 9.50
CA ARG B 106 13.25 5.47 8.52
C ARG B 106 11.93 4.73 8.38
N ASN B 107 10.97 5.37 7.74
CA ASN B 107 9.64 4.82 7.51
C ASN B 107 8.99 4.36 8.79
N MET B 108 8.92 5.26 9.76
CA MET B 108 8.35 4.99 11.09
C MET B 108 7.09 5.78 11.39
N VAL B 109 6.97 6.95 10.77
CA VAL B 109 5.83 7.82 11.02
C VAL B 109 5.05 8.01 9.72
N VAL B 110 3.77 7.65 9.73
CA VAL B 110 2.98 7.81 8.51
C VAL B 110 2.34 9.20 8.52
N ARG B 111 2.63 9.99 7.50
CA ARG B 111 2.08 11.34 7.42
C ARG B 111 0.79 11.40 6.58
N ALA B 112 0.73 10.61 5.51
CA ALA B 112 -0.46 10.60 4.64
C ALA B 112 -0.79 9.19 4.12
N CYS B 113 -2.07 8.96 3.84
CA CYS B 113 -2.55 7.67 3.34
C CYS B 113 -3.20 7.73 1.95
N GLY B 114 -3.36 6.57 1.32
CA GLY B 114 -3.96 6.51 0.00
C GLY B 114 -4.30 5.10 -0.45
N CYS B 115 -5.17 4.99 -1.46
CA CYS B 115 -5.57 3.70 -2.00
C CYS B 115 -4.53 3.23 -3.02
N HIS B 116 -3.93 2.07 -2.77
CA HIS B 116 -2.91 1.53 -3.67
C HIS B 116 -3.27 0.13 -4.14
#